data_1ZRX
#
_entry.id   1ZRX
#
_entity_poly.entity_id   1
_entity_poly.type   'polypeptide(L)'
_entity_poly.pdbx_seq_one_letter_code
;RGFRKHFNKLVKKVKHTISETAHVAKDTAVIAGSGAAVVAAT
;
_entity_poly.pdbx_strand_id   A
#
# COMPACT_ATOMS: atom_id res chain seq x y z
N ARG A 1 -12.23 25.25 -9.92
CA ARG A 1 -11.96 24.33 -11.07
C ARG A 1 -10.45 24.16 -11.29
N GLY A 2 -9.74 23.83 -10.21
CA GLY A 2 -8.31 23.64 -10.30
C GLY A 2 -7.93 22.35 -10.99
N PHE A 3 -6.68 22.27 -11.45
CA PHE A 3 -6.18 21.08 -12.13
C PHE A 3 -5.87 19.96 -11.14
N ARG A 4 -6.80 19.67 -10.24
CA ARG A 4 -6.63 18.62 -9.25
C ARG A 4 -6.59 17.25 -9.90
N LYS A 5 -6.77 17.21 -11.22
CA LYS A 5 -6.72 15.95 -11.95
C LYS A 5 -5.34 15.33 -11.85
N HIS A 6 -4.30 16.15 -12.00
CA HIS A 6 -2.93 15.64 -11.91
C HIS A 6 -2.55 15.42 -10.45
N PHE A 7 -3.26 16.08 -9.55
CA PHE A 7 -3.03 15.94 -8.11
C PHE A 7 -3.59 14.60 -7.63
N ASN A 8 -4.78 14.28 -8.12
CA ASN A 8 -5.45 13.03 -7.77
C ASN A 8 -4.60 11.85 -8.19
N LYS A 9 -3.84 12.03 -9.25
CA LYS A 9 -2.94 10.99 -9.75
C LYS A 9 -1.92 10.65 -8.66
N LEU A 10 -1.41 11.68 -8.02
CA LEU A 10 -0.45 11.51 -6.93
C LEU A 10 -1.18 10.86 -5.76
N VAL A 11 -2.41 11.30 -5.56
CA VAL A 11 -3.25 10.77 -4.50
C VAL A 11 -3.41 9.27 -4.65
N LYS A 12 -3.46 8.79 -5.89
CA LYS A 12 -3.59 7.35 -6.15
C LYS A 12 -2.43 6.60 -5.51
N LYS A 13 -1.26 7.22 -5.52
CA LYS A 13 -0.09 6.62 -4.92
C LYS A 13 -0.19 6.79 -3.40
N VAL A 14 -0.69 7.95 -2.99
CA VAL A 14 -0.86 8.27 -1.58
C VAL A 14 -1.80 7.29 -0.88
N LYS A 15 -2.90 6.91 -1.53
CA LYS A 15 -3.85 5.98 -0.93
C LYS A 15 -3.16 4.66 -0.63
N HIS A 16 -2.26 4.24 -1.51
CA HIS A 16 -1.52 3.01 -1.28
C HIS A 16 -0.50 3.23 -0.18
N THR A 17 0.14 4.39 -0.17
CA THR A 17 1.13 4.71 0.84
C THR A 17 0.50 4.62 2.22
N ILE A 18 -0.70 5.17 2.35
CA ILE A 18 -1.43 5.15 3.60
C ILE A 18 -1.73 3.70 3.99
N SER A 19 -2.21 2.94 3.01
CA SER A 19 -2.54 1.53 3.23
C SER A 19 -1.30 0.72 3.58
N GLU A 20 -0.39 0.58 2.66
CA GLU A 20 0.83 -0.20 2.87
C GLU A 20 1.47 0.04 4.24
N THR A 21 1.42 1.27 4.72
CA THR A 21 2.03 1.60 6.02
C THR A 21 1.22 1.10 7.22
N ALA A 22 -0.08 1.40 7.27
CA ALA A 22 -0.91 1.02 8.41
C ALA A 22 -1.75 -0.26 8.19
N HIS A 23 -1.79 -0.73 6.97
CA HIS A 23 -2.58 -1.92 6.64
C HIS A 23 -1.95 -3.18 7.23
N VAL A 24 -0.74 -3.06 7.74
CA VAL A 24 -0.06 -4.20 8.35
C VAL A 24 -0.86 -4.72 9.54
N ALA A 25 -1.57 -3.82 10.22
CA ALA A 25 -2.39 -4.21 11.36
C ALA A 25 -3.47 -5.20 10.94
N LYS A 26 -3.81 -5.20 9.66
CA LYS A 26 -4.83 -6.09 9.11
C LYS A 26 -4.18 -7.26 8.39
N ASP A 27 -3.26 -6.93 7.48
CA ASP A 27 -2.54 -7.89 6.67
C ASP A 27 -1.69 -8.81 7.53
N THR A 28 -1.40 -8.38 8.75
CA THR A 28 -0.59 -9.16 9.67
C THR A 28 -1.12 -10.58 9.83
N ALA A 29 -2.44 -10.73 9.89
CA ALA A 29 -3.04 -12.06 10.06
C ALA A 29 -3.61 -12.61 8.75
N VAL A 30 -3.16 -12.05 7.63
CA VAL A 30 -3.61 -12.51 6.33
C VAL A 30 -2.70 -13.62 5.83
N ILE A 31 -1.40 -13.42 5.96
CA ILE A 31 -0.42 -14.42 5.54
C ILE A 31 0.60 -14.68 6.63
N ALA A 32 1.11 -13.61 7.26
CA ALA A 32 2.09 -13.77 8.33
C ALA A 32 1.54 -14.63 9.46
N GLY A 33 0.57 -14.11 10.18
CA GLY A 33 -0.04 -14.82 11.28
C GLY A 33 -1.18 -15.71 10.82
N SER A 34 -1.06 -16.26 9.62
CA SER A 34 -2.09 -17.13 9.08
C SER A 34 -1.55 -17.95 7.92
N GLY A 35 -0.26 -18.29 8.02
CA GLY A 35 0.38 -19.08 6.99
C GLY A 35 1.87 -19.20 7.21
N ALA A 36 2.58 -18.08 7.12
CA ALA A 36 4.02 -18.05 7.31
C ALA A 36 4.39 -18.51 8.72
N ALA A 37 3.59 -18.09 9.70
CA ALA A 37 3.84 -18.44 11.08
C ALA A 37 3.48 -19.90 11.36
N VAL A 38 2.47 -20.41 10.63
CA VAL A 38 2.02 -21.77 10.80
C VAL A 38 3.01 -22.76 10.20
N VAL A 39 3.39 -22.53 8.96
CA VAL A 39 4.33 -23.40 8.27
C VAL A 39 5.63 -23.50 9.05
N ALA A 40 6.01 -22.39 9.68
CA ALA A 40 7.22 -22.34 10.48
C ALA A 40 6.99 -23.02 11.83
N ALA A 41 5.73 -23.06 12.26
CA ALA A 41 5.37 -23.68 13.54
C ALA A 41 5.31 -25.21 13.43
N THR A 42 4.43 -25.70 12.57
CA THR A 42 4.25 -27.13 12.35
C THR A 42 3.59 -27.39 11.01
N ARG A 1 -7.82 25.96 -14.16
CA ARG A 1 -9.00 25.35 -13.50
C ARG A 1 -8.96 23.82 -13.59
N GLY A 2 -7.79 23.24 -13.35
CA GLY A 2 -7.64 21.80 -13.43
C GLY A 2 -6.33 21.33 -12.84
N PHE A 3 -5.97 21.90 -11.69
CA PHE A 3 -4.72 21.54 -11.02
C PHE A 3 -4.87 20.22 -10.28
N ARG A 4 -6.10 19.88 -9.94
CA ARG A 4 -6.40 18.64 -9.22
C ARG A 4 -5.93 17.41 -9.98
N LYS A 5 -5.74 17.54 -11.29
CA LYS A 5 -5.31 16.41 -12.11
C LYS A 5 -4.04 15.74 -11.56
N HIS A 6 -3.01 16.53 -11.26
CA HIS A 6 -1.78 15.95 -10.75
C HIS A 6 -1.96 15.46 -9.32
N PHE A 7 -2.94 16.03 -8.61
CA PHE A 7 -3.23 15.63 -7.25
C PHE A 7 -3.86 14.24 -7.24
N ASN A 8 -4.84 14.04 -8.11
CA ASN A 8 -5.53 12.78 -8.23
C ASN A 8 -4.54 11.69 -8.64
N LYS A 9 -3.58 12.08 -9.47
CA LYS A 9 -2.54 11.16 -9.92
C LYS A 9 -1.79 10.64 -8.71
N LEU A 10 -1.56 11.52 -7.75
CA LEU A 10 -0.88 11.14 -6.53
C LEU A 10 -1.79 10.22 -5.77
N VAL A 11 -3.03 10.67 -5.59
CA VAL A 11 -4.07 9.93 -4.88
C VAL A 11 -4.21 8.48 -5.36
N LYS A 12 -4.02 8.25 -6.65
CA LYS A 12 -4.11 6.90 -7.19
C LYS A 12 -3.13 5.98 -6.46
N LYS A 13 -1.98 6.53 -6.12
CA LYS A 13 -0.94 5.80 -5.41
C LYS A 13 -1.00 6.07 -3.90
N VAL A 14 -1.33 7.30 -3.56
CA VAL A 14 -1.44 7.77 -2.19
C VAL A 14 -2.48 6.99 -1.41
N LYS A 15 -3.56 6.63 -2.07
CA LYS A 15 -4.60 5.85 -1.41
C LYS A 15 -4.00 4.54 -0.91
N HIS A 16 -3.11 3.98 -1.72
CA HIS A 16 -2.43 2.75 -1.37
C HIS A 16 -1.40 3.01 -0.28
N THR A 17 -0.69 4.13 -0.40
CA THR A 17 0.33 4.52 0.56
C THR A 17 -0.27 4.69 1.96
N ILE A 18 -1.41 5.36 2.02
CA ILE A 18 -2.12 5.58 3.27
C ILE A 18 -2.47 4.24 3.90
N SER A 19 -2.94 3.31 3.08
CA SER A 19 -3.30 1.99 3.55
C SER A 19 -2.06 1.24 4.02
N GLU A 20 -0.98 1.36 3.26
CA GLU A 20 0.28 0.67 3.58
C GLU A 20 0.74 0.99 4.99
N THR A 21 0.75 2.28 5.32
CA THR A 21 1.20 2.75 6.62
C THR A 21 0.48 2.04 7.77
N ALA A 22 -0.82 1.82 7.64
CA ALA A 22 -1.60 1.19 8.70
C ALA A 22 -1.74 -0.32 8.51
N HIS A 23 -1.74 -0.77 7.28
CA HIS A 23 -1.91 -2.18 6.95
C HIS A 23 -0.65 -2.99 7.19
N VAL A 24 0.38 -2.36 7.75
CA VAL A 24 1.64 -3.07 8.05
C VAL A 24 1.41 -4.19 9.04
N ALA A 25 0.40 -4.03 9.89
CA ALA A 25 0.08 -5.05 10.88
C ALA A 25 -0.40 -6.32 10.21
N LYS A 26 -1.31 -6.17 9.25
CA LYS A 26 -1.86 -7.31 8.52
C LYS A 26 -0.87 -7.83 7.48
N ASP A 27 -0.13 -6.91 6.87
CA ASP A 27 0.85 -7.25 5.84
C ASP A 27 2.27 -7.27 6.40
N THR A 28 2.41 -7.47 7.70
CA THR A 28 3.74 -7.49 8.32
C THR A 28 4.59 -8.60 7.71
N ALA A 29 3.94 -9.73 7.42
CA ALA A 29 4.62 -10.87 6.84
C ALA A 29 3.61 -11.84 6.25
N VAL A 30 2.57 -11.30 5.63
CA VAL A 30 1.53 -12.13 5.01
C VAL A 30 2.11 -12.86 3.81
N ILE A 31 2.91 -12.15 3.03
CA ILE A 31 3.56 -12.74 1.85
C ILE A 31 4.52 -13.83 2.31
N ALA A 32 5.25 -13.54 3.38
CA ALA A 32 6.21 -14.48 3.94
C ALA A 32 5.50 -15.72 4.47
N GLY A 33 4.41 -15.50 5.18
CA GLY A 33 3.65 -16.60 5.75
C GLY A 33 3.09 -17.52 4.68
N SER A 34 2.62 -16.93 3.58
CA SER A 34 2.05 -17.70 2.49
C SER A 34 3.01 -17.79 1.31
N GLY A 35 4.20 -18.32 1.55
CA GLY A 35 5.18 -18.47 0.49
C GLY A 35 6.59 -18.69 1.01
N ALA A 36 7.08 -17.73 1.77
CA ALA A 36 8.43 -17.80 2.33
C ALA A 36 8.54 -18.93 3.35
N ALA A 37 7.46 -19.19 4.08
CA ALA A 37 7.44 -20.24 5.09
C ALA A 37 7.80 -21.59 4.47
N VAL A 38 7.27 -21.84 3.27
CA VAL A 38 7.54 -23.09 2.56
C VAL A 38 9.02 -23.17 2.18
N VAL A 39 9.55 -22.06 1.67
CA VAL A 39 10.95 -21.99 1.26
C VAL A 39 11.88 -22.15 2.47
N ALA A 40 11.46 -21.60 3.60
CA ALA A 40 12.24 -21.68 4.83
C ALA A 40 12.25 -23.10 5.37
N ALA A 41 11.10 -23.76 5.28
CA ALA A 41 10.95 -25.13 5.76
C ALA A 41 11.78 -26.11 4.94
N THR A 42 11.77 -25.93 3.63
CA THR A 42 12.51 -26.80 2.73
C THR A 42 14.02 -26.58 2.86
N ARG A 1 -7.11 27.74 -12.20
CA ARG A 1 -6.77 26.69 -11.21
C ARG A 1 -7.06 25.30 -11.76
N GLY A 2 -6.21 24.35 -11.41
CA GLY A 2 -6.38 22.98 -11.87
C GLY A 2 -5.35 22.07 -11.24
N PHE A 3 -5.18 22.22 -9.93
CA PHE A 3 -4.21 21.43 -9.18
C PHE A 3 -4.64 19.97 -9.06
N ARG A 4 -5.94 19.73 -9.16
CA ARG A 4 -6.47 18.38 -9.03
C ARG A 4 -5.92 17.43 -10.10
N LYS A 5 -5.52 17.97 -11.25
CA LYS A 5 -4.99 17.12 -12.32
C LYS A 5 -3.74 16.35 -11.87
N HIS A 6 -2.78 17.03 -11.24
CA HIS A 6 -1.58 16.33 -10.79
C HIS A 6 -1.78 15.76 -9.39
N PHE A 7 -2.72 16.32 -8.65
CA PHE A 7 -3.03 15.84 -7.30
C PHE A 7 -3.66 14.44 -7.40
N ASN A 8 -4.51 14.27 -8.42
CA ASN A 8 -5.19 13.01 -8.67
C ASN A 8 -4.17 11.92 -8.94
N LYS A 9 -3.01 12.30 -9.48
CA LYS A 9 -1.94 11.36 -9.76
C LYS A 9 -1.43 10.78 -8.44
N LEU A 10 -1.32 11.65 -7.44
CA LEU A 10 -0.88 11.22 -6.11
C LEU A 10 -1.94 10.31 -5.54
N VAL A 11 -3.19 10.71 -5.74
CA VAL A 11 -4.36 9.98 -5.28
C VAL A 11 -4.40 8.57 -5.84
N LYS A 12 -3.96 8.43 -7.08
CA LYS A 12 -3.94 7.13 -7.74
C LYS A 12 -3.13 6.14 -6.93
N LYS A 13 -2.05 6.63 -6.34
CA LYS A 13 -1.18 5.81 -5.50
C LYS A 13 -1.66 5.85 -4.05
N VAL A 14 -2.30 6.95 -3.68
CA VAL A 14 -2.77 7.15 -2.30
C VAL A 14 -3.57 5.95 -1.82
N LYS A 15 -4.28 5.28 -2.71
CA LYS A 15 -5.06 4.10 -2.34
C LYS A 15 -4.16 3.06 -1.68
N HIS A 16 -2.95 2.90 -2.23
CA HIS A 16 -1.99 1.95 -1.69
C HIS A 16 -1.33 2.54 -0.45
N THR A 17 -1.05 3.83 -0.50
CA THR A 17 -0.40 4.54 0.61
C THR A 17 -1.23 4.44 1.88
N ILE A 18 -2.54 4.64 1.77
CA ILE A 18 -3.44 4.56 2.89
C ILE A 18 -3.36 3.19 3.53
N SER A 19 -3.34 2.17 2.69
CA SER A 19 -3.24 0.79 3.16
C SER A 19 -1.89 0.56 3.82
N GLU A 20 -0.81 0.96 3.15
CA GLU A 20 0.54 0.78 3.67
C GLU A 20 0.68 1.37 5.07
N THR A 21 0.19 2.59 5.24
CA THR A 21 0.27 3.31 6.50
C THR A 21 -0.25 2.49 7.68
N ALA A 22 -1.36 1.79 7.51
CA ALA A 22 -1.94 1.00 8.59
C ALA A 22 -1.57 -0.49 8.52
N HIS A 23 -1.52 -1.01 7.30
CA HIS A 23 -1.23 -2.42 7.06
C HIS A 23 0.16 -2.81 7.57
N VAL A 24 1.07 -1.84 7.72
CA VAL A 24 2.40 -2.17 8.25
C VAL A 24 2.28 -2.69 9.68
N ALA A 25 1.27 -2.24 10.39
CA ALA A 25 1.07 -2.70 11.76
C ALA A 25 0.96 -4.23 11.79
N LYS A 26 0.57 -4.79 10.65
CA LYS A 26 0.42 -6.24 10.53
C LYS A 26 1.60 -6.85 9.75
N ASP A 27 1.99 -6.18 8.67
CA ASP A 27 3.07 -6.65 7.78
C ASP A 27 4.46 -6.52 8.40
N THR A 28 4.63 -5.52 9.24
CA THR A 28 5.90 -5.24 9.89
C THR A 28 6.47 -6.48 10.60
N ALA A 29 5.71 -7.02 11.54
CA ALA A 29 6.17 -8.19 12.29
C ALA A 29 5.01 -9.07 12.75
N VAL A 30 3.80 -8.55 12.72
CA VAL A 30 2.62 -9.29 13.13
C VAL A 30 2.46 -10.55 12.28
N ILE A 31 2.68 -10.43 10.99
CA ILE A 31 2.57 -11.58 10.09
C ILE A 31 3.62 -12.62 10.47
N ALA A 32 4.80 -12.13 10.82
CA ALA A 32 5.89 -13.00 11.23
C ALA A 32 5.51 -13.74 12.51
N GLY A 33 4.85 -13.03 13.42
CA GLY A 33 4.42 -13.63 14.66
C GLY A 33 3.30 -14.63 14.45
N SER A 34 2.28 -14.21 13.71
CA SER A 34 1.13 -15.05 13.40
C SER A 34 1.40 -15.85 12.13
N GLY A 35 2.62 -16.34 11.98
CA GLY A 35 2.98 -17.13 10.82
C GLY A 35 4.19 -17.99 11.08
N ALA A 36 5.31 -17.35 11.37
CA ALA A 36 6.54 -18.08 11.67
C ALA A 36 6.37 -18.86 12.97
N ALA A 37 5.83 -18.20 13.99
CA ALA A 37 5.61 -18.83 15.27
C ALA A 37 4.59 -19.96 15.14
N VAL A 38 3.58 -19.74 14.30
CA VAL A 38 2.53 -20.71 14.08
C VAL A 38 3.06 -21.97 13.41
N VAL A 39 3.82 -21.79 12.33
CA VAL A 39 4.39 -22.92 11.59
C VAL A 39 5.43 -23.64 12.45
N ALA A 40 6.15 -22.88 13.26
CA ALA A 40 7.18 -23.44 14.13
C ALA A 40 6.57 -24.28 15.25
N ALA A 41 5.54 -23.74 15.88
CA ALA A 41 4.87 -24.43 16.98
C ALA A 41 4.01 -25.59 16.48
N THR A 42 3.17 -25.30 15.49
CA THR A 42 2.26 -26.30 14.91
C THR A 42 1.55 -27.11 16.00
N ARG A 1 -8.41 26.72 -8.91
CA ARG A 1 -7.98 27.12 -10.28
C ARG A 1 -7.55 25.92 -11.12
N GLY A 2 -6.87 24.95 -10.51
CA GLY A 2 -6.45 23.79 -11.25
C GLY A 2 -5.55 22.85 -10.46
N PHE A 3 -4.49 22.38 -11.12
CA PHE A 3 -3.52 21.45 -10.55
C PHE A 3 -4.17 20.27 -9.82
N ARG A 4 -5.34 19.88 -10.29
CA ARG A 4 -6.05 18.72 -9.73
C ARG A 4 -5.71 17.46 -10.52
N LYS A 5 -5.18 17.65 -11.72
CA LYS A 5 -4.81 16.56 -12.60
C LYS A 5 -3.69 15.72 -11.97
N HIS A 6 -2.55 16.36 -11.68
CA HIS A 6 -1.43 15.65 -11.07
C HIS A 6 -1.77 15.24 -9.64
N PHE A 7 -2.67 15.99 -9.03
CA PHE A 7 -3.13 15.71 -7.67
C PHE A 7 -3.92 14.41 -7.67
N ASN A 8 -4.74 14.26 -8.68
CA ASN A 8 -5.56 13.07 -8.85
C ASN A 8 -4.68 11.83 -8.93
N LYS A 9 -3.54 11.96 -9.58
CA LYS A 9 -2.61 10.85 -9.74
C LYS A 9 -1.99 10.45 -8.40
N LEU A 10 -1.68 11.43 -7.55
CA LEU A 10 -1.12 11.10 -6.24
C LEU A 10 -2.22 10.50 -5.38
N VAL A 11 -3.46 10.94 -5.65
CA VAL A 11 -4.64 10.43 -4.95
C VAL A 11 -4.88 8.97 -5.32
N LYS A 12 -4.61 8.65 -6.58
CA LYS A 12 -4.78 7.30 -7.09
C LYS A 12 -3.94 6.32 -6.28
N LYS A 13 -2.76 6.78 -5.89
CA LYS A 13 -1.85 5.96 -5.11
C LYS A 13 -1.99 6.26 -3.63
N VAL A 14 -2.58 7.41 -3.31
CA VAL A 14 -2.74 7.83 -1.92
C VAL A 14 -3.48 6.75 -1.13
N LYS A 15 -4.41 6.07 -1.79
CA LYS A 15 -5.15 5.01 -1.14
C LYS A 15 -4.20 3.90 -0.72
N HIS A 16 -3.21 3.61 -1.56
CA HIS A 16 -2.21 2.59 -1.25
C HIS A 16 -1.28 3.10 -0.14
N THR A 17 -0.89 4.36 -0.26
CA THR A 17 0.00 5.00 0.71
C THR A 17 -0.60 4.95 2.12
N ILE A 18 -1.87 5.31 2.22
CA ILE A 18 -2.58 5.31 3.50
C ILE A 18 -2.68 3.89 4.03
N SER A 19 -2.97 2.95 3.14
CA SER A 19 -3.08 1.55 3.52
C SER A 19 -1.77 1.05 4.09
N GLU A 20 -0.66 1.38 3.43
CA GLU A 20 0.67 0.97 3.86
C GLU A 20 0.88 1.23 5.35
N THR A 21 0.59 2.45 5.76
CA THR A 21 0.76 2.88 7.14
C THR A 21 0.08 1.94 8.16
N ALA A 22 -1.11 1.45 7.83
CA ALA A 22 -1.85 0.57 8.76
C ALA A 22 -1.85 -0.87 8.31
N HIS A 23 -1.35 -1.15 7.12
CA HIS A 23 -1.32 -2.52 6.62
C HIS A 23 0.02 -3.15 6.91
N VAL A 24 0.98 -2.33 7.30
CA VAL A 24 2.32 -2.79 7.62
C VAL A 24 2.31 -3.83 8.73
N ALA A 25 1.30 -3.77 9.59
CA ALA A 25 1.17 -4.74 10.67
C ALA A 25 1.15 -6.16 10.12
N LYS A 26 0.50 -6.32 8.96
CA LYS A 26 0.41 -7.62 8.31
C LYS A 26 1.43 -7.73 7.16
N ASP A 27 1.57 -6.64 6.43
CA ASP A 27 2.46 -6.55 5.28
C ASP A 27 3.77 -5.87 5.65
N THR A 28 4.31 -6.20 6.80
CA THR A 28 5.57 -5.61 7.26
C THR A 28 6.73 -5.98 6.33
N ALA A 29 6.79 -7.24 5.93
CA ALA A 29 7.83 -7.71 5.04
C ALA A 29 7.34 -8.85 4.13
N VAL A 30 6.04 -9.15 4.22
CA VAL A 30 5.46 -10.21 3.40
C VAL A 30 5.44 -9.76 1.94
N ILE A 31 5.30 -8.46 1.72
CA ILE A 31 5.30 -7.91 0.38
C ILE A 31 6.67 -8.12 -0.23
N ALA A 32 7.71 -7.99 0.60
CA ALA A 32 9.08 -8.21 0.18
C ALA A 32 9.38 -9.72 0.11
N GLY A 33 8.48 -10.44 -0.53
CA GLY A 33 8.59 -11.88 -0.68
C GLY A 33 7.46 -12.42 -1.54
N SER A 34 6.29 -11.82 -1.40
CA SER A 34 5.10 -12.22 -2.14
C SER A 34 4.36 -10.98 -2.66
N GLY A 35 5.07 -10.12 -3.38
CA GLY A 35 4.48 -8.91 -3.92
C GLY A 35 5.47 -8.05 -4.67
N ALA A 36 6.66 -7.89 -4.08
CA ALA A 36 7.73 -7.10 -4.67
C ALA A 36 8.09 -7.63 -6.05
N ALA A 37 8.08 -8.95 -6.19
CA ALA A 37 8.40 -9.59 -7.45
C ALA A 37 7.38 -9.18 -8.51
N VAL A 38 6.13 -9.07 -8.10
CA VAL A 38 5.06 -8.68 -9.02
C VAL A 38 5.30 -7.26 -9.50
N VAL A 39 5.67 -6.39 -8.57
CA VAL A 39 5.96 -4.98 -8.89
C VAL A 39 7.13 -4.90 -9.87
N ALA A 40 8.09 -5.79 -9.70
CA ALA A 40 9.26 -5.83 -10.55
C ALA A 40 8.88 -6.32 -11.94
N ALA A 41 7.93 -7.25 -11.98
CA ALA A 41 7.46 -7.82 -13.24
C ALA A 41 6.72 -6.78 -14.07
N THR A 42 5.88 -6.00 -13.41
CA THR A 42 5.10 -4.96 -14.09
C THR A 42 4.42 -4.05 -13.06
N ARG A 1 -10.68 21.02 -8.28
CA ARG A 1 -9.82 22.07 -7.67
C ARG A 1 -8.56 22.27 -8.49
N GLY A 2 -7.74 23.24 -8.07
CA GLY A 2 -6.50 23.52 -8.77
C GLY A 2 -5.49 22.40 -8.58
N PHE A 3 -4.41 22.45 -9.36
CA PHE A 3 -3.35 21.44 -9.31
C PHE A 3 -3.92 20.03 -9.22
N ARG A 4 -4.98 19.80 -9.98
CA ARG A 4 -5.66 18.51 -10.03
C ARG A 4 -4.79 17.44 -10.70
N LYS A 5 -3.89 17.88 -11.57
CA LYS A 5 -3.02 16.95 -12.30
C LYS A 5 -2.14 16.12 -11.36
N HIS A 6 -1.23 16.78 -10.64
CA HIS A 6 -0.35 16.04 -9.73
C HIS A 6 -1.12 15.49 -8.52
N PHE A 7 -2.23 16.13 -8.20
CA PHE A 7 -3.07 15.67 -7.09
C PHE A 7 -3.68 14.32 -7.43
N ASN A 8 -4.19 14.20 -8.65
CA ASN A 8 -4.81 12.98 -9.14
C ASN A 8 -3.81 11.83 -9.13
N LYS A 9 -2.53 12.15 -9.30
CA LYS A 9 -1.49 11.13 -9.29
C LYS A 9 -1.44 10.47 -7.92
N LEU A 10 -1.65 11.28 -6.87
CA LEU A 10 -1.68 10.78 -5.51
C LEU A 10 -2.94 9.95 -5.33
N VAL A 11 -4.02 10.49 -5.88
CA VAL A 11 -5.33 9.87 -5.84
C VAL A 11 -5.30 8.46 -6.42
N LYS A 12 -4.50 8.27 -7.46
CA LYS A 12 -4.38 6.97 -8.11
C LYS A 12 -3.94 5.93 -7.09
N LYS A 13 -3.06 6.34 -6.18
CA LYS A 13 -2.56 5.46 -5.14
C LYS A 13 -3.11 5.85 -3.78
N VAL A 14 -4.18 6.65 -3.76
CA VAL A 14 -4.76 7.09 -2.49
C VAL A 14 -5.25 5.89 -1.67
N LYS A 15 -5.78 4.88 -2.36
CA LYS A 15 -6.25 3.68 -1.68
C LYS A 15 -5.05 2.97 -1.06
N HIS A 16 -3.94 2.95 -1.82
CA HIS A 16 -2.72 2.32 -1.36
C HIS A 16 -2.19 3.06 -0.14
N THR A 17 -2.30 4.37 -0.15
CA THR A 17 -1.83 5.21 0.95
C THR A 17 -2.52 4.82 2.24
N ILE A 18 -3.84 4.62 2.17
CA ILE A 18 -4.64 4.24 3.32
C ILE A 18 -4.13 2.93 3.92
N SER A 19 -3.99 1.92 3.07
CA SER A 19 -3.54 0.61 3.52
C SER A 19 -2.08 0.60 3.93
N GLU A 20 -1.23 1.22 3.14
CA GLU A 20 0.21 1.25 3.38
C GLU A 20 0.56 1.86 4.73
N THR A 21 -0.06 2.98 5.05
CA THR A 21 0.19 3.64 6.32
C THR A 21 -0.09 2.73 7.52
N ALA A 22 -1.11 1.89 7.40
CA ALA A 22 -1.47 0.98 8.49
C ALA A 22 -0.80 -0.40 8.36
N HIS A 23 -0.57 -0.83 7.13
CA HIS A 23 0.03 -2.12 6.86
C HIS A 23 1.54 -2.09 7.05
N VAL A 24 2.03 -1.02 7.66
CA VAL A 24 3.47 -0.91 7.94
C VAL A 24 3.89 -1.97 8.95
N ALA A 25 2.91 -2.48 9.69
CA ALA A 25 3.17 -3.52 10.68
C ALA A 25 3.74 -4.75 9.99
N LYS A 26 3.21 -5.06 8.80
CA LYS A 26 3.68 -6.21 8.04
C LYS A 26 4.76 -5.79 7.05
N ASP A 27 4.57 -4.64 6.43
CA ASP A 27 5.52 -4.10 5.46
C ASP A 27 6.69 -3.41 6.14
N THR A 28 6.85 -3.66 7.44
CA THR A 28 7.94 -3.07 8.20
C THR A 28 9.28 -3.58 7.67
N ALA A 29 9.31 -4.87 7.38
CA ALA A 29 10.51 -5.51 6.86
C ALA A 29 10.18 -6.93 6.41
N VAL A 30 9.04 -7.09 5.74
CA VAL A 30 8.64 -8.40 5.26
C VAL A 30 9.59 -8.87 4.16
N ILE A 31 9.99 -7.94 3.30
CA ILE A 31 10.92 -8.24 2.22
C ILE A 31 12.32 -8.44 2.81
N ALA A 32 12.70 -7.56 3.73
CA ALA A 32 14.00 -7.62 4.38
C ALA A 32 14.16 -8.91 5.18
N GLY A 33 13.11 -9.25 5.92
CA GLY A 33 13.11 -10.45 6.72
C GLY A 33 13.26 -11.69 5.87
N SER A 34 12.54 -11.71 4.75
CA SER A 34 12.60 -12.83 3.83
C SER A 34 14.02 -12.96 3.28
N GLY A 35 14.62 -11.82 2.95
CA GLY A 35 15.97 -11.82 2.44
C GLY A 35 16.95 -12.34 3.49
N ALA A 36 16.74 -11.93 4.73
CA ALA A 36 17.58 -12.37 5.82
C ALA A 36 17.41 -13.87 6.06
N ALA A 37 16.20 -14.36 5.81
CA ALA A 37 15.89 -15.77 5.99
C ALA A 37 16.69 -16.65 5.03
N VAL A 38 16.74 -16.27 3.76
CA VAL A 38 17.49 -17.06 2.78
C VAL A 38 18.98 -17.02 3.11
N VAL A 39 19.47 -15.85 3.52
CA VAL A 39 20.87 -15.68 3.88
C VAL A 39 21.20 -16.54 5.10
N ALA A 40 20.27 -16.58 6.05
CA ALA A 40 20.45 -17.36 7.27
C ALA A 40 20.55 -18.85 6.94
N ALA A 41 19.75 -19.29 5.98
CA ALA A 41 19.74 -20.69 5.57
C ALA A 41 21.06 -21.08 4.89
N THR A 42 21.52 -20.22 3.98
CA THR A 42 22.76 -20.46 3.27
C THR A 42 23.96 -20.41 4.21
N ARG A 1 -10.16 22.77 -14.16
CA ARG A 1 -8.95 23.51 -14.61
C ARG A 1 -7.95 22.58 -15.30
N GLY A 2 -7.46 21.58 -14.58
CA GLY A 2 -6.52 20.65 -15.16
C GLY A 2 -5.50 20.13 -14.17
N PHE A 3 -5.12 20.97 -13.21
CA PHE A 3 -4.13 20.60 -12.20
C PHE A 3 -4.59 19.43 -11.34
N ARG A 4 -5.90 19.26 -11.18
CA ARG A 4 -6.44 18.17 -10.37
C ARG A 4 -6.24 16.81 -11.04
N LYS A 5 -5.89 16.82 -12.32
CA LYS A 5 -5.67 15.58 -13.05
C LYS A 5 -4.46 14.81 -12.50
N HIS A 6 -3.27 15.40 -12.59
CA HIS A 6 -2.07 14.73 -12.09
C HIS A 6 -2.04 14.71 -10.57
N PHE A 7 -2.70 15.67 -9.93
CA PHE A 7 -2.76 15.73 -8.47
C PHE A 7 -3.56 14.55 -7.94
N ASN A 8 -4.68 14.27 -8.61
CA ASN A 8 -5.55 13.18 -8.23
C ASN A 8 -4.80 11.86 -8.24
N LYS A 9 -3.88 11.71 -9.19
CA LYS A 9 -3.07 10.49 -9.30
C LYS A 9 -2.22 10.33 -8.05
N LEU A 10 -1.73 11.44 -7.53
CA LEU A 10 -0.93 11.44 -6.32
C LEU A 10 -1.82 11.00 -5.17
N VAL A 11 -3.06 11.48 -5.21
CA VAL A 11 -4.06 11.19 -4.21
C VAL A 11 -4.44 9.71 -4.23
N LYS A 12 -4.49 9.12 -5.43
CA LYS A 12 -4.80 7.70 -5.56
C LYS A 12 -3.81 6.91 -4.73
N LYS A 13 -2.56 7.33 -4.83
CA LYS A 13 -1.48 6.70 -4.10
C LYS A 13 -1.43 7.19 -2.67
N VAL A 14 -1.81 8.44 -2.44
CA VAL A 14 -1.76 9.03 -1.11
C VAL A 14 -2.57 8.21 -0.10
N LYS A 15 -3.76 7.78 -0.50
CA LYS A 15 -4.59 6.96 0.36
C LYS A 15 -3.94 5.60 0.56
N HIS A 16 -3.34 5.08 -0.50
CA HIS A 16 -2.68 3.79 -0.44
C HIS A 16 -1.43 3.83 0.43
N THR A 17 -0.65 4.89 0.34
CA THR A 17 0.58 5.01 1.10
C THR A 17 0.29 5.03 2.59
N ILE A 18 -0.57 5.95 3.01
CA ILE A 18 -0.94 6.08 4.40
C ILE A 18 -1.49 4.77 4.96
N SER A 19 -2.37 4.13 4.19
CA SER A 19 -2.98 2.89 4.62
C SER A 19 -2.00 1.72 4.55
N GLU A 20 -1.25 1.63 3.48
CA GLU A 20 -0.30 0.54 3.27
C GLU A 20 0.71 0.43 4.40
N THR A 21 1.25 1.57 4.81
CA THR A 21 2.24 1.60 5.87
C THR A 21 1.73 0.88 7.14
N ALA A 22 0.44 1.00 7.41
CA ALA A 22 -0.15 0.37 8.59
C ALA A 22 -0.83 -0.97 8.29
N HIS A 23 -1.45 -1.07 7.13
CA HIS A 23 -2.17 -2.27 6.73
C HIS A 23 -1.25 -3.42 6.33
N VAL A 24 0.03 -3.30 6.67
CA VAL A 24 0.99 -4.35 6.39
C VAL A 24 0.63 -5.63 7.13
N ALA A 25 -0.17 -5.49 8.17
CA ALA A 25 -0.60 -6.65 8.95
C ALA A 25 -1.35 -7.64 8.07
N LYS A 26 -2.18 -7.10 7.17
CA LYS A 26 -2.95 -7.93 6.25
C LYS A 26 -2.23 -8.06 4.90
N ASP A 27 -1.71 -6.94 4.42
CA ASP A 27 -0.99 -6.90 3.14
C ASP A 27 0.51 -7.07 3.37
N THR A 28 0.87 -7.98 4.27
CA THR A 28 2.29 -8.22 4.56
C THR A 28 2.99 -8.83 3.35
N ALA A 29 2.31 -9.77 2.69
CA ALA A 29 2.86 -10.43 1.50
C ALA A 29 1.75 -11.13 0.74
N VAL A 30 0.52 -10.65 0.91
CA VAL A 30 -0.64 -11.21 0.24
C VAL A 30 -0.61 -10.85 -1.24
N ILE A 31 -0.09 -9.67 -1.54
CA ILE A 31 0.00 -9.19 -2.91
C ILE A 31 0.98 -10.05 -3.70
N ALA A 32 1.99 -10.60 -3.00
CA ALA A 32 3.00 -11.46 -3.63
C ALA A 32 2.43 -12.86 -3.93
N GLY A 33 1.18 -12.89 -4.36
CA GLY A 33 0.51 -14.13 -4.70
C GLY A 33 -0.91 -13.86 -5.13
N SER A 34 -1.67 -13.23 -4.24
CA SER A 34 -3.06 -12.87 -4.51
C SER A 34 -3.14 -11.54 -5.25
N GLY A 35 -2.40 -11.44 -6.35
CA GLY A 35 -2.39 -10.24 -7.16
C GLY A 35 -1.26 -10.26 -8.15
N ALA A 36 -0.04 -10.33 -7.66
CA ALA A 36 1.15 -10.36 -8.51
C ALA A 36 1.17 -11.63 -9.34
N ALA A 37 0.83 -12.76 -8.72
CA ALA A 37 0.81 -14.03 -9.43
C ALA A 37 -0.34 -14.07 -10.42
N VAL A 38 -1.47 -13.52 -10.01
CA VAL A 38 -2.66 -13.48 -10.85
C VAL A 38 -2.42 -12.67 -12.12
N VAL A 39 -1.85 -11.48 -11.97
CA VAL A 39 -1.58 -10.63 -13.12
C VAL A 39 -0.53 -11.27 -14.03
N ALA A 40 0.46 -11.91 -13.42
CA ALA A 40 1.52 -12.59 -14.16
C ALA A 40 0.94 -13.72 -15.01
N ALA A 41 0.04 -14.50 -14.41
CA ALA A 41 -0.59 -15.61 -15.10
C ALA A 41 -1.50 -15.10 -16.21
N THR A 42 -2.21 -14.02 -15.93
CA THR A 42 -3.12 -13.41 -16.89
C THR A 42 -4.29 -14.34 -17.21
N ARG A 1 -11.51 15.64 -17.47
CA ARG A 1 -10.71 16.32 -16.41
C ARG A 1 -9.28 16.55 -16.87
N GLY A 2 -8.75 17.73 -16.57
CA GLY A 2 -7.38 18.07 -16.94
C GLY A 2 -6.60 18.64 -15.78
N PHE A 3 -7.20 19.61 -15.11
CA PHE A 3 -6.59 20.26 -13.96
C PHE A 3 -7.00 19.53 -12.68
N ARG A 4 -6.11 19.54 -11.68
CA ARG A 4 -6.36 18.86 -10.40
C ARG A 4 -6.33 17.35 -10.54
N LYS A 5 -6.45 16.85 -11.76
CA LYS A 5 -6.43 15.42 -12.01
C LYS A 5 -5.06 14.85 -11.65
N HIS A 6 -4.00 15.58 -12.02
CA HIS A 6 -2.64 15.10 -11.74
C HIS A 6 -2.38 15.09 -10.24
N PHE A 7 -3.14 15.89 -9.51
CA PHE A 7 -3.04 15.93 -8.05
C PHE A 7 -3.72 14.70 -7.49
N ASN A 8 -4.88 14.39 -8.04
CA ASN A 8 -5.63 13.22 -7.62
C ASN A 8 -4.81 11.96 -7.85
N LYS A 9 -4.14 11.90 -9.00
CA LYS A 9 -3.31 10.75 -9.35
C LYS A 9 -2.26 10.45 -8.28
N LEU A 10 -1.57 11.49 -7.80
CA LEU A 10 -0.56 11.29 -6.78
C LEU A 10 -1.21 10.98 -5.44
N VAL A 11 -2.36 11.60 -5.17
CA VAL A 11 -3.08 11.35 -3.92
C VAL A 11 -3.53 9.90 -3.83
N LYS A 12 -3.95 9.32 -4.95
CA LYS A 12 -4.38 7.92 -4.97
C LYS A 12 -3.26 7.05 -4.43
N LYS A 13 -2.05 7.38 -4.85
CA LYS A 13 -0.85 6.67 -4.43
C LYS A 13 -0.50 7.02 -2.99
N VAL A 14 -0.69 8.28 -2.64
CA VAL A 14 -0.41 8.76 -1.28
C VAL A 14 -1.25 8.02 -0.26
N LYS A 15 -2.56 7.97 -0.49
CA LYS A 15 -3.47 7.29 0.40
C LYS A 15 -3.08 5.83 0.55
N HIS A 16 -2.69 5.22 -0.56
CA HIS A 16 -2.27 3.83 -0.54
C HIS A 16 -0.98 3.66 0.25
N THR A 17 -0.02 4.54 0.03
CA THR A 17 1.26 4.47 0.73
C THR A 17 1.07 4.65 2.23
N ILE A 18 0.30 5.65 2.62
CA ILE A 18 0.02 5.91 4.03
C ILE A 18 -0.56 4.67 4.68
N SER A 19 -1.57 4.09 4.04
CA SER A 19 -2.21 2.89 4.55
C SER A 19 -1.28 1.69 4.54
N GLU A 20 -0.70 1.40 3.38
CA GLU A 20 0.21 0.26 3.21
C GLU A 20 1.23 0.19 4.34
N THR A 21 1.68 1.35 4.79
CA THR A 21 2.66 1.43 5.86
C THR A 21 2.29 0.55 7.06
N ALA A 22 1.04 0.68 7.51
CA ALA A 22 0.57 -0.08 8.66
C ALA A 22 -0.85 -0.61 8.45
N HIS A 23 -1.16 -1.05 7.25
CA HIS A 23 -2.49 -1.59 6.98
C HIS A 23 -2.41 -3.04 6.52
N VAL A 24 -1.25 -3.67 6.64
CA VAL A 24 -1.11 -5.05 6.20
C VAL A 24 -2.03 -5.98 6.99
N ALA A 25 -2.14 -5.75 8.30
CA ALA A 25 -3.00 -6.57 9.13
C ALA A 25 -4.48 -6.32 8.86
N LYS A 26 -4.81 -5.12 8.38
CA LYS A 26 -6.21 -4.77 8.10
C LYS A 26 -6.63 -5.11 6.66
N ASP A 27 -5.73 -4.85 5.73
CA ASP A 27 -5.98 -5.10 4.31
C ASP A 27 -5.33 -6.41 3.86
N THR A 28 -5.03 -7.28 4.81
CA THR A 28 -4.39 -8.56 4.49
C THR A 28 -5.30 -9.40 3.58
N ALA A 29 -6.57 -9.50 3.96
CA ALA A 29 -7.54 -10.25 3.16
C ALA A 29 -8.19 -9.33 2.14
N VAL A 30 -8.35 -8.06 2.51
CA VAL A 30 -8.96 -7.08 1.64
C VAL A 30 -8.21 -6.96 0.31
N ILE A 31 -6.90 -6.79 0.37
CA ILE A 31 -6.09 -6.66 -0.83
C ILE A 31 -5.84 -8.02 -1.49
N ALA A 32 -5.52 -9.03 -0.69
CA ALA A 32 -5.26 -10.36 -1.23
C ALA A 32 -6.46 -10.87 -2.02
N GLY A 33 -7.64 -10.75 -1.43
CA GLY A 33 -8.86 -11.21 -2.09
C GLY A 33 -9.38 -10.22 -3.11
N SER A 34 -9.61 -8.99 -2.68
CA SER A 34 -10.14 -7.95 -3.57
C SER A 34 -9.01 -7.12 -4.19
N GLY A 35 -8.03 -7.80 -4.77
CA GLY A 35 -6.92 -7.11 -5.38
C GLY A 35 -5.97 -8.05 -6.10
N ALA A 36 -5.30 -8.90 -5.33
CA ALA A 36 -4.36 -9.86 -5.89
C ALA A 36 -5.09 -10.96 -6.62
N ALA A 37 -6.11 -11.51 -5.97
CA ALA A 37 -6.90 -12.60 -6.55
C ALA A 37 -7.66 -12.15 -7.79
N VAL A 38 -8.28 -10.98 -7.72
CA VAL A 38 -9.04 -10.47 -8.86
C VAL A 38 -8.16 -10.17 -10.07
N VAL A 39 -6.98 -9.60 -9.86
CA VAL A 39 -6.10 -9.31 -10.99
C VAL A 39 -5.73 -10.62 -11.68
N ALA A 40 -5.50 -11.64 -10.87
CA ALA A 40 -5.17 -12.97 -11.38
C ALA A 40 -6.36 -13.55 -12.15
N ALA A 41 -7.57 -13.22 -11.70
CA ALA A 41 -8.78 -13.71 -12.34
C ALA A 41 -8.97 -13.04 -13.70
N THR A 42 -8.88 -11.71 -13.70
CA THR A 42 -9.01 -10.91 -14.91
C THR A 42 -10.46 -10.89 -15.42
N ARG A 1 -12.07 24.51 -14.51
CA ARG A 1 -12.01 24.89 -13.07
C ARG A 1 -10.57 24.89 -12.56
N GLY A 2 -9.88 23.76 -12.76
CA GLY A 2 -8.51 23.65 -12.32
C GLY A 2 -7.97 22.26 -12.60
N PHE A 3 -6.68 22.17 -12.89
CA PHE A 3 -6.04 20.88 -13.19
C PHE A 3 -5.77 20.06 -11.92
N ARG A 4 -6.76 19.96 -11.05
CA ARG A 4 -6.62 19.18 -9.82
C ARG A 4 -6.44 17.71 -10.14
N LYS A 5 -6.80 17.35 -11.37
CA LYS A 5 -6.69 15.98 -11.85
C LYS A 5 -5.27 15.44 -11.72
N HIS A 6 -4.27 16.30 -11.90
CA HIS A 6 -2.87 15.88 -11.79
C HIS A 6 -2.51 15.59 -10.34
N PHE A 7 -3.25 16.19 -9.42
CA PHE A 7 -3.02 15.98 -7.99
C PHE A 7 -3.66 14.67 -7.56
N ASN A 8 -4.86 14.42 -8.07
CA ASN A 8 -5.59 13.21 -7.77
C ASN A 8 -4.78 11.97 -8.14
N LYS A 9 -4.03 12.08 -9.23
CA LYS A 9 -3.19 10.97 -9.68
C LYS A 9 -2.20 10.59 -8.58
N LEU A 10 -1.62 11.61 -7.97
CA LEU A 10 -0.67 11.40 -6.88
C LEU A 10 -1.40 10.83 -5.68
N VAL A 11 -2.62 11.34 -5.46
CA VAL A 11 -3.44 10.89 -4.35
C VAL A 11 -3.70 9.40 -4.44
N LYS A 12 -3.89 8.89 -5.65
CA LYS A 12 -4.12 7.47 -5.83
C LYS A 12 -2.92 6.68 -5.32
N LYS A 13 -1.74 7.24 -5.53
CA LYS A 13 -0.51 6.64 -5.06
C LYS A 13 -0.47 6.78 -3.53
N VAL A 14 -0.89 7.94 -3.04
CA VAL A 14 -0.94 8.24 -1.63
C VAL A 14 -1.84 7.24 -0.90
N LYS A 15 -2.93 6.86 -1.54
CA LYS A 15 -3.88 5.92 -0.95
C LYS A 15 -3.16 4.64 -0.55
N HIS A 16 -2.31 4.14 -1.45
CA HIS A 16 -1.55 2.94 -1.17
C HIS A 16 -0.49 3.25 -0.12
N THR A 17 0.12 4.42 -0.22
CA THR A 17 1.15 4.83 0.73
C THR A 17 0.62 4.76 2.16
N ILE A 18 -0.59 5.27 2.36
CA ILE A 18 -1.22 5.26 3.68
C ILE A 18 -1.41 3.83 4.16
N SER A 19 -1.82 2.96 3.24
CA SER A 19 -2.04 1.55 3.57
C SER A 19 -0.73 0.85 3.92
N GLU A 20 0.22 0.88 3.00
CA GLU A 20 1.51 0.22 3.21
C GLU A 20 2.19 0.72 4.48
N THR A 21 1.76 1.87 4.98
CA THR A 21 2.34 2.42 6.21
C THR A 21 2.17 1.46 7.38
N ALA A 22 0.95 0.94 7.55
CA ALA A 22 0.67 0.03 8.64
C ALA A 22 -0.61 -0.75 8.39
N HIS A 23 -0.80 -1.23 7.16
CA HIS A 23 -1.99 -2.02 6.82
C HIS A 23 -1.82 -3.45 7.31
N VAL A 24 -0.96 -3.64 8.30
CA VAL A 24 -0.69 -4.97 8.86
C VAL A 24 -1.93 -5.47 9.59
N ALA A 25 -2.79 -4.55 10.00
CA ALA A 25 -4.02 -4.92 10.69
C ALA A 25 -5.05 -5.45 9.69
N LYS A 26 -5.15 -4.77 8.55
CA LYS A 26 -6.07 -5.17 7.50
C LYS A 26 -5.60 -6.47 6.85
N ASP A 27 -4.35 -6.46 6.42
CA ASP A 27 -3.73 -7.62 5.80
C ASP A 27 -2.98 -8.42 6.85
N THR A 28 -3.62 -8.63 7.99
CA THR A 28 -3.02 -9.37 9.09
C THR A 28 -2.73 -10.82 8.70
N ALA A 29 -3.67 -11.45 8.01
CA ALA A 29 -3.49 -12.84 7.58
C ALA A 29 -2.53 -12.92 6.40
N VAL A 30 -2.63 -11.95 5.50
CA VAL A 30 -1.78 -11.91 4.31
C VAL A 30 -0.32 -11.65 4.66
N ILE A 31 -0.06 -10.56 5.38
CA ILE A 31 1.30 -10.19 5.76
C ILE A 31 1.93 -11.20 6.71
N ALA A 32 1.27 -11.46 7.85
CA ALA A 32 1.79 -12.41 8.83
C ALA A 32 1.87 -13.81 8.24
N GLY A 33 0.88 -14.16 7.43
CA GLY A 33 0.87 -15.47 6.81
C GLY A 33 2.05 -15.66 5.88
N SER A 34 2.38 -14.61 5.13
CA SER A 34 3.50 -14.64 4.20
C SER A 34 4.82 -14.35 4.92
N GLY A 35 5.02 -15.00 6.05
CA GLY A 35 6.23 -14.80 6.83
C GLY A 35 6.24 -15.70 8.05
N ALA A 36 5.39 -15.39 9.02
CA ALA A 36 5.30 -16.20 10.23
C ALA A 36 4.80 -17.59 9.87
N ALA A 37 3.74 -17.63 9.07
CA ALA A 37 3.16 -18.90 8.62
C ALA A 37 3.96 -19.45 7.43
N VAL A 38 5.28 -19.26 7.49
CA VAL A 38 6.20 -19.73 6.46
C VAL A 38 7.47 -20.23 7.11
N VAL A 39 8.19 -19.33 7.77
CA VAL A 39 9.43 -19.70 8.45
C VAL A 39 9.12 -20.68 9.57
N ALA A 40 8.03 -20.42 10.29
CA ALA A 40 7.61 -21.29 11.38
C ALA A 40 6.80 -22.46 10.83
N ALA A 41 6.20 -22.25 9.65
CA ALA A 41 5.38 -23.27 9.01
C ALA A 41 6.19 -24.09 8.01
N THR A 42 7.32 -24.62 8.46
CA THR A 42 8.18 -25.45 7.62
C THR A 42 9.01 -26.40 8.47
N ARG A 1 -10.92 25.60 -15.76
CA ARG A 1 -10.06 25.30 -14.59
C ARG A 1 -10.18 23.84 -14.19
N GLY A 2 -9.05 23.14 -14.13
CA GLY A 2 -9.07 21.73 -13.77
C GLY A 2 -7.69 21.14 -13.59
N PHE A 3 -6.75 21.95 -13.08
CA PHE A 3 -5.39 21.49 -12.84
C PHE A 3 -5.37 20.46 -11.70
N ARG A 4 -6.43 20.49 -10.89
CA ARG A 4 -6.55 19.59 -9.74
C ARG A 4 -6.43 18.11 -10.13
N LYS A 5 -6.46 17.81 -11.42
CA LYS A 5 -6.35 16.43 -11.86
C LYS A 5 -4.95 15.88 -11.54
N HIS A 6 -3.97 16.77 -11.37
CA HIS A 6 -2.62 16.36 -11.05
C HIS A 6 -2.53 15.88 -9.61
N PHE A 7 -3.54 16.22 -8.81
CA PHE A 7 -3.58 15.81 -7.41
C PHE A 7 -3.99 14.35 -7.30
N ASN A 8 -5.11 13.99 -7.90
CA ASN A 8 -5.57 12.61 -7.87
C ASN A 8 -4.54 11.69 -8.52
N LYS A 9 -3.75 12.25 -9.44
CA LYS A 9 -2.71 11.48 -10.13
C LYS A 9 -1.73 10.86 -9.15
N LEU A 10 -1.51 11.54 -8.03
CA LEU A 10 -0.61 11.04 -7.00
C LEU A 10 -1.42 10.38 -5.89
N VAL A 11 -2.71 10.72 -5.83
CA VAL A 11 -3.63 10.18 -4.85
C VAL A 11 -3.65 8.66 -4.86
N LYS A 12 -3.62 8.04 -6.03
CA LYS A 12 -3.65 6.57 -6.09
C LYS A 12 -2.46 5.99 -5.33
N LYS A 13 -1.33 6.66 -5.43
CA LYS A 13 -0.13 6.23 -4.73
C LYS A 13 -0.26 6.59 -3.25
N VAL A 14 -0.88 7.74 -2.97
CA VAL A 14 -1.10 8.20 -1.60
C VAL A 14 -1.97 7.23 -0.82
N LYS A 15 -3.11 6.85 -1.39
CA LYS A 15 -4.03 5.93 -0.75
C LYS A 15 -3.32 4.60 -0.52
N HIS A 16 -2.47 4.22 -1.46
CA HIS A 16 -1.71 2.98 -1.32
C HIS A 16 -0.71 3.10 -0.19
N THR A 17 -0.05 4.25 -0.09
CA THR A 17 0.92 4.46 0.98
C THR A 17 0.22 4.46 2.33
N ILE A 18 -0.92 5.13 2.39
CA ILE A 18 -1.70 5.20 3.61
C ILE A 18 -2.08 3.80 4.05
N SER A 19 -2.48 2.98 3.07
CA SER A 19 -2.87 1.61 3.32
C SER A 19 -1.65 0.77 3.69
N GLU A 20 -0.70 0.67 2.79
CA GLU A 20 0.51 -0.12 2.98
C GLU A 20 1.15 0.11 4.36
N THR A 21 1.19 1.36 4.80
CA THR A 21 1.81 1.70 6.08
C THR A 21 1.00 1.19 7.29
N ALA A 22 -0.29 1.53 7.35
CA ALA A 22 -1.14 1.15 8.48
C ALA A 22 -1.79 -0.24 8.34
N HIS A 23 -1.82 -0.74 7.13
CA HIS A 23 -2.44 -2.04 6.85
C HIS A 23 -1.51 -3.17 7.23
N VAL A 24 -0.33 -2.80 7.72
CA VAL A 24 0.66 -3.78 8.15
C VAL A 24 0.15 -4.55 9.37
N ALA A 25 -0.75 -3.93 10.13
CA ALA A 25 -1.32 -4.57 11.31
C ALA A 25 -2.35 -5.63 10.89
N LYS A 26 -3.20 -5.26 9.94
CA LYS A 26 -4.23 -6.16 9.44
C LYS A 26 -3.58 -7.28 8.62
N ASP A 27 -2.80 -6.86 7.65
CA ASP A 27 -2.07 -7.76 6.77
C ASP A 27 -0.75 -8.16 7.41
N THR A 28 -0.78 -8.38 8.72
CA THR A 28 0.42 -8.76 9.46
C THR A 28 1.01 -10.06 8.93
N ALA A 29 0.15 -11.00 8.58
CA ALA A 29 0.60 -12.28 8.04
C ALA A 29 1.13 -12.12 6.63
N VAL A 30 0.47 -11.24 5.86
CA VAL A 30 0.88 -10.97 4.49
C VAL A 30 2.24 -10.30 4.44
N ILE A 31 2.41 -9.24 5.22
CA ILE A 31 3.66 -8.50 5.28
C ILE A 31 4.79 -9.38 5.82
N ALA A 32 4.53 -10.07 6.92
CA ALA A 32 5.52 -10.95 7.53
C ALA A 32 5.91 -12.05 6.56
N GLY A 33 4.92 -12.62 5.86
CA GLY A 33 5.19 -13.68 4.92
C GLY A 33 6.15 -13.25 3.81
N SER A 34 5.91 -12.07 3.26
CA SER A 34 6.75 -11.55 2.19
C SER A 34 7.92 -10.72 2.72
N GLY A 35 8.61 -11.24 3.72
CA GLY A 35 9.75 -10.53 4.27
C GLY A 35 10.38 -11.24 5.45
N ALA A 36 9.63 -11.42 6.52
CA ALA A 36 10.13 -12.10 7.71
C ALA A 36 10.22 -13.61 7.50
N ALA A 37 9.21 -14.18 6.85
CA ALA A 37 9.18 -15.60 6.59
C ALA A 37 10.33 -16.01 5.69
N VAL A 38 10.61 -15.19 4.69
CA VAL A 38 11.70 -15.43 3.76
C VAL A 38 12.89 -14.53 4.07
N VAL A 39 13.07 -14.23 5.34
CA VAL A 39 14.17 -13.36 5.78
C VAL A 39 15.52 -13.91 5.35
N ALA A 40 15.70 -15.22 5.48
CA ALA A 40 16.95 -15.86 5.09
C ALA A 40 17.08 -15.94 3.58
N ALA A 41 15.95 -16.03 2.90
CA ALA A 41 15.91 -16.12 1.45
C ALA A 41 15.83 -14.73 0.81
N THR A 42 16.61 -13.80 1.34
CA THR A 42 16.63 -12.43 0.82
C THR A 42 17.79 -11.65 1.46
N ARG A 1 -8.11 25.22 -9.63
CA ARG A 1 -9.57 25.07 -9.88
C ARG A 1 -9.83 24.40 -11.23
N GLY A 2 -9.06 23.35 -11.52
CA GLY A 2 -9.21 22.63 -12.76
C GLY A 2 -8.10 21.61 -12.98
N PHE A 3 -6.87 22.03 -12.73
CA PHE A 3 -5.70 21.16 -12.88
C PHE A 3 -5.47 20.31 -11.63
N ARG A 4 -6.56 19.91 -10.97
CA ARG A 4 -6.45 19.09 -9.76
C ARG A 4 -6.18 17.64 -10.12
N LYS A 5 -6.30 17.32 -11.41
CA LYS A 5 -6.05 15.97 -11.88
C LYS A 5 -4.61 15.53 -11.59
N HIS A 6 -3.67 16.49 -11.62
CA HIS A 6 -2.27 16.16 -11.34
C HIS A 6 -2.09 15.79 -9.88
N PHE A 7 -2.98 16.28 -9.03
CA PHE A 7 -2.95 15.98 -7.61
C PHE A 7 -3.59 14.63 -7.35
N ASN A 8 -4.72 14.39 -7.99
CA ASN A 8 -5.46 13.14 -7.86
C ASN A 8 -4.57 11.97 -8.26
N LYS A 9 -3.68 12.20 -9.23
CA LYS A 9 -2.76 11.17 -9.69
C LYS A 9 -1.86 10.74 -8.54
N LEU A 10 -1.43 11.71 -7.74
CA LEU A 10 -0.59 11.44 -6.59
C LEU A 10 -1.42 10.74 -5.52
N VAL A 11 -2.65 11.25 -5.33
CA VAL A 11 -3.58 10.70 -4.36
C VAL A 11 -3.84 9.23 -4.64
N LYS A 12 -3.81 8.86 -5.92
CA LYS A 12 -4.02 7.48 -6.32
C LYS A 12 -2.99 6.59 -5.64
N LYS A 13 -1.77 7.11 -5.55
CA LYS A 13 -0.68 6.40 -4.91
C LYS A 13 -0.78 6.57 -3.40
N VAL A 14 -1.18 7.76 -2.96
CA VAL A 14 -1.32 8.08 -1.54
C VAL A 14 -2.26 7.09 -0.88
N LYS A 15 -3.34 6.74 -1.55
CA LYS A 15 -4.31 5.80 -1.04
C LYS A 15 -3.61 4.48 -0.73
N HIS A 16 -2.76 4.05 -1.66
CA HIS A 16 -2.00 2.82 -1.50
C HIS A 16 -0.97 2.98 -0.39
N THR A 17 -0.37 4.15 -0.33
CA THR A 17 0.65 4.46 0.68
C THR A 17 0.05 4.34 2.07
N ILE A 18 -1.15 4.87 2.24
CA ILE A 18 -1.84 4.81 3.52
C ILE A 18 -2.05 3.36 3.90
N SER A 19 -2.49 2.55 2.93
CA SER A 19 -2.74 1.14 3.16
C SER A 19 -1.45 0.40 3.52
N GLU A 20 -0.45 0.47 2.68
CA GLU A 20 0.81 -0.23 2.93
C GLU A 20 1.41 0.14 4.28
N THR A 21 1.26 1.39 4.69
CA THR A 21 1.81 1.85 5.95
C THR A 21 0.98 1.40 7.17
N ALA A 22 -0.32 1.66 7.13
CA ALA A 22 -1.21 1.32 8.24
C ALA A 22 -1.67 -0.14 8.24
N HIS A 23 -1.70 -0.75 7.07
CA HIS A 23 -2.15 -2.14 6.94
C HIS A 23 -1.11 -3.13 7.43
N VAL A 24 -0.11 -2.64 8.17
CA VAL A 24 0.91 -3.50 8.73
C VAL A 24 0.32 -4.37 9.83
N ALA A 25 -0.78 -3.91 10.42
CA ALA A 25 -1.46 -4.67 11.47
C ALA A 25 -2.10 -5.91 10.87
N LYS A 26 -2.75 -5.71 9.72
CA LYS A 26 -3.40 -6.79 8.99
C LYS A 26 -2.35 -7.71 8.39
N ASP A 27 -1.46 -7.12 7.62
CA ASP A 27 -0.37 -7.84 6.98
C ASP A 27 0.84 -7.90 7.92
N THR A 28 0.57 -8.12 9.21
CA THR A 28 1.64 -8.18 10.19
C THR A 28 2.54 -9.39 9.95
N ALA A 29 1.94 -10.53 9.65
CA ALA A 29 2.71 -11.75 9.38
C ALA A 29 3.31 -11.69 7.98
N VAL A 30 2.62 -10.98 7.08
CA VAL A 30 3.06 -10.85 5.70
C VAL A 30 4.29 -9.95 5.58
N ILE A 31 4.21 -8.76 6.15
CA ILE A 31 5.29 -7.79 6.09
C ILE A 31 6.32 -8.00 7.20
N ALA A 32 5.87 -7.92 8.44
CA ALA A 32 6.79 -8.11 9.57
C ALA A 32 7.26 -9.55 9.63
N GLY A 33 6.33 -10.49 9.54
CA GLY A 33 6.68 -11.90 9.57
C GLY A 33 7.61 -12.29 8.46
N SER A 34 7.29 -11.89 7.24
CA SER A 34 8.13 -12.21 6.09
C SER A 34 9.05 -11.04 5.75
N GLY A 35 9.66 -10.47 6.79
CA GLY A 35 10.55 -9.35 6.61
C GLY A 35 11.34 -9.04 7.86
N ALA A 36 10.78 -8.22 8.74
CA ALA A 36 11.44 -7.83 9.98
C ALA A 36 11.81 -9.04 10.84
N ALA A 37 10.94 -10.04 10.85
CA ALA A 37 11.15 -11.24 11.64
C ALA A 37 12.25 -12.12 11.05
N VAL A 38 12.16 -12.39 9.75
CA VAL A 38 13.16 -13.24 9.10
C VAL A 38 14.52 -12.56 8.99
N VAL A 39 14.52 -11.25 8.73
CA VAL A 39 15.78 -10.52 8.64
C VAL A 39 16.49 -10.57 9.98
N ALA A 40 15.69 -10.57 11.05
CA ALA A 40 16.24 -10.66 12.40
C ALA A 40 16.78 -12.06 12.63
N ALA A 41 16.13 -13.05 12.03
CA ALA A 41 16.54 -14.45 12.15
C ALA A 41 17.59 -14.78 11.09
N THR A 42 18.62 -13.95 11.01
CA THR A 42 19.69 -14.13 10.03
C THR A 42 21.01 -13.64 10.60
#